data_4KYW
#
_entry.id   4KYW
#
_cell.length_a   95.700
_cell.length_b   101.050
_cell.length_c   114.850
_cell.angle_alpha   90.00
_cell.angle_beta   90.00
_cell.angle_gamma   90.00
#
_symmetry.space_group_name_H-M   'C 2 2 21'
#
loop_
_entity.id
_entity.type
_entity.pdbx_description
1 polymer 'Type-2 restriction enzyme DpnI'
2 polymer "5'-(*DC*DTP*DGP*DGP*6MAP*DTP*DCP*DCP*DAP*DG)-3'"
3 non-polymer 'ZINC ION'
4 non-polymer 'CALCIUM ION'
5 non-polymer 'SODIUM ION'
6 water water
#
loop_
_entity_poly.entity_id
_entity_poly.type
_entity_poly.pdbx_seq_one_letter_code
_entity_poly.pdbx_strand_id
1 'polypeptide(L)'
;GPHMELHFNLELVETYKSNSQKARILTEDWVYRQSYCPNCGNNPLNHFENNRPVADFYCNHCSEEFELKSKKGNFSSTIN
DGAYATMMKRVQADNNPNFFFLTYTKNFEVNNFLVLPKQFVTPKSIIQRKPLAPTANRAGWIGCNIDLSQVPSKGRIFLV
QDGQVRDPEKVTKEFKQGLFLRKSSLSSRGWTIEILNCIDKIEGSEFTLEDMYRFESDLKNIFVKNNHIKEKIRQQLQIL
RDKEIIEFKGRGKYRKL
;
A
2 'polydeoxyribonucleotide' (DC)(DT)(DG)(DG)(6MA)(DT)(DC)(DC)(DA)(DG) C,D,E,F
#
loop_
_chem_comp.id
_chem_comp.type
_chem_comp.name
_chem_comp.formula
6MA DNA linking N6-METHYL-DEOXY-ADENOSINE-5'-MONOPHOSPHATE 'C11 H16 N5 O6 P'
CA non-polymer 'CALCIUM ION' 'Ca 2'
DA DNA linking 2'-DEOXYADENOSINE-5'-MONOPHOSPHATE 'C10 H14 N5 O6 P'
DC DNA linking 2'-DEOXYCYTIDINE-5'-MONOPHOSPHATE 'C9 H14 N3 O7 P'
DG DNA linking 2'-DEOXYGUANOSINE-5'-MONOPHOSPHATE 'C10 H14 N5 O7 P'
DT DNA linking THYMIDINE-5'-MONOPHOSPHATE 'C10 H15 N2 O8 P'
NA non-polymer 'SODIUM ION' 'Na 1'
ZN non-polymer 'ZINC ION' 'Zn 2'
#
# COMPACT_ATOMS: atom_id res chain seq x y z
N MET A 4 2.11 17.93 6.85
CA MET A 4 1.14 17.17 7.69
C MET A 4 1.25 17.53 9.16
N GLU A 5 0.10 17.78 9.81
CA GLU A 5 -0.01 17.86 11.27
C GLU A 5 -0.46 16.51 11.76
N LEU A 6 -0.14 16.19 13.00
CA LEU A 6 -0.14 14.82 13.48
C LEU A 6 -1.10 14.57 14.62
N HIS A 7 -1.89 15.57 14.97
CA HIS A 7 -2.81 15.38 16.09
C HIS A 7 -4.26 15.32 15.64
N PHE A 8 -5.02 14.58 16.42
CA PHE A 8 -6.42 14.35 16.21
C PHE A 8 -7.26 15.54 16.62
N ASN A 9 -8.52 15.50 16.18
CA ASN A 9 -9.48 16.50 16.53
C ASN A 9 -10.37 15.92 17.63
N LEU A 10 -9.92 16.03 18.87
CA LEU A 10 -10.51 15.34 20.03
C LEU A 10 -11.93 15.75 20.31
N GLU A 11 -12.30 16.96 19.90
CA GLU A 11 -13.65 17.46 20.07
C GLU A 11 -14.72 16.56 19.47
N LEU A 12 -14.35 15.91 18.35
CA LEU A 12 -15.24 15.04 17.58
C LEU A 12 -15.82 13.89 18.40
N VAL A 13 -15.11 13.50 19.45
CA VAL A 13 -15.45 12.27 20.16
C VAL A 13 -16.06 12.47 21.56
N GLU A 14 -16.42 13.71 21.89
CA GLU A 14 -17.07 14.08 23.16
C GLU A 14 -18.24 13.21 23.59
N THR A 15 -19.13 12.96 22.65
CA THR A 15 -20.35 12.18 22.89
C THR A 15 -20.17 10.65 22.91
N TYR A 16 -18.97 10.13 22.63
CA TYR A 16 -18.75 8.67 22.60
C TYR A 16 -18.17 8.12 23.89
N LYS A 17 -18.40 6.83 24.14
CA LYS A 17 -17.81 6.12 25.26
C LYS A 17 -16.80 5.06 24.84
N SER A 18 -17.06 4.32 23.74
CA SER A 18 -16.16 3.24 23.34
C SER A 18 -14.89 3.79 22.74
N ASN A 19 -13.74 3.31 23.22
CA ASN A 19 -12.45 3.74 22.70
C ASN A 19 -12.18 3.24 21.30
N SER A 20 -12.85 2.15 20.94
CA SER A 20 -12.88 1.62 19.55
C SER A 20 -13.57 2.57 18.60
N GLN A 21 -14.72 3.06 19.03
CA GLN A 21 -15.50 4.03 18.27
C GLN A 21 -14.83 5.38 18.24
N LYS A 22 -14.25 5.80 19.34
CA LYS A 22 -13.42 7.01 19.33
C LYS A 22 -12.26 6.93 18.33
N ALA A 23 -11.54 5.80 18.32
CA ALA A 23 -10.47 5.55 17.35
C ALA A 23 -11.00 5.68 15.92
N ARG A 24 -12.17 5.09 15.66
CA ARG A 24 -12.78 5.15 14.31
C ARG A 24 -12.93 6.62 13.88
N ILE A 25 -13.59 7.41 14.71
CA ILE A 25 -13.88 8.78 14.37
C ILE A 25 -12.59 9.57 14.20
N LEU A 26 -11.69 9.49 15.17
CA LEU A 26 -10.49 10.33 15.21
C LEU A 26 -9.55 10.01 14.07
N THR A 27 -9.31 8.72 13.84
CA THR A 27 -8.35 8.27 12.81
C THR A 27 -8.86 8.59 11.41
N GLU A 28 -10.15 8.37 11.16
CA GLU A 28 -10.72 8.64 9.82
C GLU A 28 -10.76 10.13 9.51
N ASP A 29 -11.04 10.93 10.52
CA ASP A 29 -10.98 12.38 10.35
C ASP A 29 -9.54 12.83 10.05
N TRP A 30 -8.59 12.32 10.82
CA TRP A 30 -7.20 12.67 10.59
C TRP A 30 -6.78 12.36 9.16
N VAL A 31 -7.07 11.14 8.67
CA VAL A 31 -6.70 10.75 7.32
C VAL A 31 -7.36 11.66 6.27
N TYR A 32 -8.66 11.92 6.42
CA TYR A 32 -9.34 12.83 5.52
C TYR A 32 -8.67 14.21 5.46
N ARG A 33 -8.32 14.75 6.62
CA ARG A 33 -7.77 16.10 6.70
C ARG A 33 -6.33 16.13 6.22
N GLN A 34 -5.57 15.08 6.49
CA GLN A 34 -4.11 15.15 6.40
C GLN A 34 -3.44 14.26 5.35
N SER A 35 -4.11 13.25 4.85
CA SER A 35 -3.44 12.38 3.90
C SER A 35 -3.78 12.69 2.45
N TYR A 36 -2.93 12.15 1.58
CA TYR A 36 -3.05 12.22 0.13
C TYR A 36 -3.04 10.80 -0.41
N CYS A 37 -3.40 10.68 -1.68
CA CYS A 37 -3.29 9.40 -2.39
C CYS A 37 -1.84 9.05 -2.61
N PRO A 38 -1.40 7.93 -2.03
CA PRO A 38 -0.01 7.54 -2.20
C PRO A 38 0.29 7.03 -3.61
N ASN A 39 -0.73 6.75 -4.41
CA ASN A 39 -0.52 6.34 -5.78
C ASN A 39 -0.28 7.52 -6.71
N CYS A 40 -1.19 8.50 -6.71
CA CYS A 40 -1.13 9.59 -7.68
C CYS A 40 -0.89 10.95 -7.04
N GLY A 41 -1.05 11.04 -5.72
CA GLY A 41 -0.76 12.29 -5.00
C GLY A 41 -1.96 13.19 -4.73
N ASN A 42 -3.12 12.84 -5.28
CA ASN A 42 -4.36 13.53 -5.00
C ASN A 42 -4.61 13.79 -3.52
N ASN A 43 -5.06 15.01 -3.23
CA ASN A 43 -5.51 15.43 -1.91
C ASN A 43 -6.74 16.30 -2.13
N PRO A 44 -7.80 16.10 -1.34
CA PRO A 44 -7.96 15.08 -0.30
C PRO A 44 -8.42 13.72 -0.85
N LEU A 45 -8.18 12.66 -0.09
CA LEU A 45 -8.93 11.42 -0.26
C LEU A 45 -10.41 11.64 0.06
N ASN A 46 -11.27 10.84 -0.57
CA ASN A 46 -12.68 10.88 -0.29
C ASN A 46 -13.09 9.69 0.55
N HIS A 47 -13.99 9.97 1.46
CA HIS A 47 -14.40 9.06 2.47
C HIS A 47 -15.61 8.34 1.94
N PHE A 48 -15.59 7.02 1.94
CA PHE A 48 -16.80 6.29 1.62
C PHE A 48 -17.85 6.47 2.69
N GLU A 49 -19.08 6.07 2.39
CA GLU A 49 -20.14 6.00 3.36
C GLU A 49 -19.82 5.03 4.49
N ASN A 50 -20.42 5.26 5.65
CA ASN A 50 -20.29 4.38 6.79
C ASN A 50 -20.83 2.98 6.48
N ASN A 51 -20.16 1.98 7.05
CA ASN A 51 -20.52 0.55 6.98
C ASN A 51 -20.11 -0.15 5.68
N ARG A 52 -19.47 0.56 4.77
CA ARG A 52 -19.07 0.00 3.51
C ARG A 52 -17.94 -1.04 3.77
N PRO A 53 -18.12 -2.28 3.30
CA PRO A 53 -17.16 -3.31 3.61
C PRO A 53 -15.77 -3.07 3.09
N VAL A 54 -14.80 -3.13 4.00
CA VAL A 54 -13.38 -2.98 3.69
C VAL A 54 -13.15 -1.87 2.67
N ALA A 55 -13.72 -0.70 2.98
CA ALA A 55 -13.73 0.45 2.06
C ALA A 55 -13.92 1.73 2.85
N ASP A 56 -12.82 2.39 3.23
CA ASP A 56 -12.84 3.66 4.03
C ASP A 56 -12.69 4.88 3.13
N PHE A 57 -11.65 4.87 2.29
CA PHE A 57 -11.33 5.97 1.37
C PHE A 57 -11.16 5.56 -0.06
N TYR A 58 -11.43 6.50 -0.99
CA TYR A 58 -11.03 6.35 -2.39
C TYR A 58 -10.40 7.63 -2.92
N CYS A 59 -9.50 7.46 -3.87
CA CYS A 59 -8.95 8.57 -4.63
C CYS A 59 -9.83 8.74 -5.86
N ASN A 60 -10.34 9.94 -6.02
CA ASN A 60 -11.21 10.25 -7.14
C ASN A 60 -10.44 10.60 -8.44
N HIS A 61 -9.12 10.64 -8.35
CA HIS A 61 -8.26 10.78 -9.51
C HIS A 61 -7.95 9.42 -10.16
N CYS A 62 -7.33 8.52 -9.40
CA CYS A 62 -6.84 7.25 -9.92
C CYS A 62 -7.70 6.03 -9.56
N SER A 63 -8.73 6.22 -8.74
CA SER A 63 -9.68 5.16 -8.36
C SER A 63 -9.16 4.10 -7.39
N GLU A 64 -7.94 4.24 -6.91
CA GLU A 64 -7.43 3.37 -5.85
C GLU A 64 -8.28 3.49 -4.59
N GLU A 65 -8.51 2.36 -3.91
CA GLU A 65 -9.29 2.31 -2.68
C GLU A 65 -8.40 1.96 -1.50
N PHE A 66 -8.81 2.41 -0.31
CA PHE A 66 -7.99 2.28 0.87
C PHE A 66 -8.78 1.82 2.08
N GLU A 67 -8.21 0.85 2.79
CA GLU A 67 -8.78 0.41 4.04
C GLU A 67 -7.82 0.84 5.15
N LEU A 68 -8.32 1.62 6.11
CA LEU A 68 -7.55 2.10 7.25
C LEU A 68 -7.73 1.24 8.45
N LYS A 69 -6.60 0.81 9.01
CA LYS A 69 -6.55 0.09 10.25
C LYS A 69 -5.69 0.89 11.22
N SER A 70 -6.20 1.18 12.39
CA SER A 70 -5.48 2.03 13.33
C SER A 70 -5.38 1.41 14.70
N LYS A 71 -4.40 1.86 15.45
CA LYS A 71 -4.18 1.26 16.73
C LYS A 71 -3.37 2.22 17.60
N LYS A 72 -3.58 2.09 18.92
CA LYS A 72 -2.73 2.77 19.88
C LYS A 72 -1.50 1.92 20.15
N GLY A 73 -0.32 2.49 19.97
CA GLY A 73 0.91 1.82 20.36
C GLY A 73 1.75 1.49 19.14
N ASN A 74 2.09 0.21 19.04
N ASN A 74 2.12 0.24 18.97
CA ASN A 74 2.93 -0.34 17.98
CA ASN A 74 2.75 -0.11 17.70
C ASN A 74 2.14 -1.34 17.12
C ASN A 74 2.02 -1.29 17.06
N PHE A 75 2.52 -1.43 15.85
N PHE A 75 2.20 -1.42 15.76
CA PHE A 75 1.98 -2.44 14.93
CA PHE A 75 1.47 -2.45 15.09
C PHE A 75 2.20 -3.85 15.50
C PHE A 75 2.13 -3.80 15.25
N SER A 76 1.26 -4.79 15.28
CA SER A 76 1.62 -6.21 15.31
C SER A 76 1.39 -6.75 13.90
N SER A 77 1.91 -7.94 13.65
CA SER A 77 1.75 -8.62 12.36
C SER A 77 0.32 -9.12 12.16
N THR A 78 -0.43 -9.25 13.27
CA THR A 78 -1.81 -9.64 13.27
C THR A 78 -2.73 -8.43 13.50
N ILE A 79 -3.64 -8.22 12.57
CA ILE A 79 -4.49 -7.03 12.58
C ILE A 79 -5.95 -7.43 12.68
N ASN A 80 -6.66 -6.79 13.58
CA ASN A 80 -8.08 -6.99 13.77
C ASN A 80 -8.92 -6.38 12.65
N ASP A 81 -10.06 -7.01 12.32
CA ASP A 81 -10.93 -6.48 11.25
C ASP A 81 -12.42 -6.62 11.53
N GLY A 82 -13.14 -6.66 10.40
CA GLY A 82 -14.60 -6.77 10.37
C GLY A 82 -14.98 -8.18 10.01
N ALA A 83 -16.11 -8.31 9.35
CA ALA A 83 -16.77 -9.61 9.02
C ALA A 83 -15.85 -10.43 8.10
N TYR A 84 -15.69 -11.69 8.40
CA TYR A 84 -14.83 -12.56 7.61
C TYR A 84 -15.23 -12.67 6.15
N ALA A 85 -16.53 -12.91 5.91
CA ALA A 85 -17.00 -13.26 4.60
C ALA A 85 -16.80 -12.12 3.62
N THR A 86 -17.07 -10.90 4.05
CA THR A 86 -17.00 -9.76 3.17
C THR A 86 -15.55 -9.30 3.00
N MET A 87 -14.69 -9.55 3.98
CA MET A 87 -13.27 -9.42 3.77
C MET A 87 -12.81 -10.38 2.67
N MET A 88 -13.17 -11.65 2.80
CA MET A 88 -12.77 -12.62 1.80
C MET A 88 -13.16 -12.18 0.38
N LYS A 89 -14.33 -11.59 0.26
CA LYS A 89 -14.85 -11.12 -1.01
C LYS A 89 -14.12 -9.85 -1.50
N ARG A 90 -13.88 -8.89 -0.61
CA ARG A 90 -13.21 -7.65 -0.99
C ARG A 90 -11.74 -7.83 -1.43
N VAL A 91 -10.98 -8.73 -0.78
CA VAL A 91 -9.58 -8.93 -1.21
C VAL A 91 -9.46 -9.55 -2.62
N GLN A 92 -10.55 -10.12 -3.12
CA GLN A 92 -10.57 -10.76 -4.43
C GLN A 92 -11.29 -9.92 -5.46
N ALA A 93 -11.72 -8.71 -5.08
CA ALA A 93 -12.45 -7.83 -5.99
C ALA A 93 -11.48 -7.21 -6.97
N ASP A 94 -11.99 -6.78 -8.12
CA ASP A 94 -11.21 -6.02 -9.08
C ASP A 94 -10.76 -4.70 -8.46
N ASN A 95 -11.60 -4.13 -7.60
CA ASN A 95 -11.24 -2.88 -6.93
C ASN A 95 -10.84 -3.17 -5.49
N ASN A 96 -10.01 -4.20 -5.31
CA ASN A 96 -9.54 -4.58 -3.98
C ASN A 96 -8.73 -3.41 -3.39
N PRO A 97 -8.86 -3.17 -2.08
CA PRO A 97 -8.25 -2.05 -1.44
C PRO A 97 -6.77 -2.18 -1.06
N ASN A 98 -6.08 -1.02 -1.06
CA ASN A 98 -4.78 -0.92 -0.43
C ASN A 98 -5.07 -0.74 1.03
N PHE A 99 -4.05 -0.86 1.88
CA PHE A 99 -4.25 -0.82 3.31
C PHE A 99 -3.35 0.24 3.96
N PHE A 100 -3.98 1.18 4.66
CA PHE A 100 -3.29 2.13 5.51
C PHE A 100 -3.20 1.55 6.91
N PHE A 101 -2.05 1.76 7.57
CA PHE A 101 -1.85 1.42 8.96
C PHE A 101 -1.36 2.63 9.69
N LEU A 102 -2.04 2.95 10.78
CA LEU A 102 -1.80 4.18 11.55
C LEU A 102 -1.58 3.79 13.01
N THR A 103 -0.54 4.34 13.62
CA THR A 103 -0.35 4.21 15.06
C THR A 103 -0.45 5.59 15.68
N TYR A 104 -1.08 5.62 16.84
CA TYR A 104 -1.21 6.86 17.56
C TYR A 104 -0.79 6.64 19.00
N THR A 105 -0.27 7.71 19.60
CA THR A 105 0.30 7.66 20.95
C THR A 105 -0.78 7.85 22.02
N LYS A 106 -0.35 7.76 23.28
CA LYS A 106 -1.22 8.05 24.41
C LYS A 106 -1.69 9.50 24.42
N ASN A 107 -0.96 10.37 23.70
CA ASN A 107 -1.32 11.78 23.57
C ASN A 107 -2.21 12.06 22.36
N PHE A 108 -2.72 10.99 21.74
CA PHE A 108 -3.59 11.06 20.57
C PHE A 108 -2.97 11.86 19.45
N GLU A 109 -1.75 11.50 19.12
CA GLU A 109 -1.12 12.01 17.92
C GLU A 109 -0.56 10.88 17.09
N VAL A 110 -0.46 11.13 15.80
CA VAL A 110 -0.02 10.12 14.86
C VAL A 110 1.50 9.93 14.94
N ASN A 111 1.85 8.71 15.31
CA ASN A 111 3.20 8.21 15.46
C ASN A 111 3.72 7.69 14.10
N ASN A 112 2.99 6.72 13.53
CA ASN A 112 3.38 6.08 12.26
C ASN A 112 2.18 5.99 11.39
N PHE A 113 2.40 6.20 10.10
CA PHE A 113 1.38 6.08 9.09
C PHE A 113 1.99 5.49 7.81
N LEU A 114 1.55 4.30 7.41
CA LEU A 114 2.09 3.64 6.23
C LEU A 114 0.99 3.08 5.32
N VAL A 115 1.34 2.84 4.07
CA VAL A 115 0.46 2.15 3.15
C VAL A 115 1.11 0.81 2.76
N LEU A 116 0.26 -0.21 2.59
CA LEU A 116 0.65 -1.52 2.08
C LEU A 116 -0.09 -1.71 0.74
N PRO A 117 0.64 -1.85 -0.37
CA PRO A 117 -0.03 -2.17 -1.63
C PRO A 117 -1.02 -3.36 -1.53
N LYS A 118 -2.12 -3.24 -2.23
CA LYS A 118 -3.20 -4.22 -2.19
C LYS A 118 -2.85 -5.69 -2.43
N GLN A 119 -1.83 -5.99 -3.24
CA GLN A 119 -1.53 -7.39 -3.55
C GLN A 119 -1.05 -8.15 -2.34
N PHE A 120 -0.59 -7.44 -1.31
CA PHE A 120 -0.10 -8.08 -0.10
C PHE A 120 -1.17 -8.60 0.86
N VAL A 121 -2.44 -8.26 0.64
CA VAL A 121 -3.52 -8.83 1.43
C VAL A 121 -4.34 -9.73 0.52
N THR A 122 -4.20 -11.02 0.76
CA THR A 122 -4.74 -12.07 -0.08
C THR A 122 -5.67 -12.92 0.80
N PRO A 123 -6.54 -13.74 0.20
CA PRO A 123 -7.38 -14.63 0.99
C PRO A 123 -6.63 -15.47 2.01
N LYS A 124 -5.40 -15.85 1.70
CA LYS A 124 -4.55 -16.60 2.64
C LYS A 124 -4.26 -15.84 3.92
N SER A 125 -4.07 -14.53 3.80
CA SER A 125 -3.89 -13.63 4.96
C SER A 125 -5.03 -13.58 5.96
N ILE A 126 -6.25 -13.90 5.50
CA ILE A 126 -7.45 -13.59 6.26
C ILE A 126 -7.79 -14.77 7.12
N ILE A 127 -7.74 -14.60 8.45
CA ILE A 127 -7.95 -15.66 9.41
C ILE A 127 -9.33 -15.49 10.08
N GLN A 128 -10.14 -16.51 9.95
CA GLN A 128 -11.51 -16.53 10.40
C GLN A 128 -11.54 -16.62 11.90
N ARG A 129 -12.38 -15.84 12.55
CA ARG A 129 -12.50 -15.99 14.00
C ARG A 129 -13.66 -16.90 14.33
N LYS A 130 -13.61 -17.40 15.55
CA LYS A 130 -14.75 -18.10 16.14
C LYS A 130 -15.97 -17.16 16.20
N PRO A 131 -17.19 -17.71 15.97
CA PRO A 131 -18.34 -16.81 16.04
C PRO A 131 -18.54 -16.24 17.45
N LEU A 132 -19.08 -15.04 17.59
CA LEU A 132 -19.29 -14.51 18.95
C LEU A 132 -20.29 -15.42 19.68
N ALA A 133 -20.07 -15.63 20.97
CA ALA A 133 -20.95 -16.44 21.80
C ALA A 133 -22.40 -15.91 21.73
N PRO A 134 -23.38 -16.78 22.04
CA PRO A 134 -24.76 -16.32 21.97
C PRO A 134 -25.15 -15.34 23.10
N THR A 135 -24.29 -15.25 24.13
CA THR A 135 -24.34 -14.22 25.19
C THR A 135 -24.09 -12.82 24.65
N ALA A 136 -23.24 -12.74 23.61
CA ALA A 136 -22.80 -11.47 23.02
C ALA A 136 -23.95 -10.69 22.41
N ASN A 137 -23.83 -9.37 22.43
CA ASN A 137 -24.78 -8.51 21.73
C ASN A 137 -24.89 -8.91 20.26
N ARG A 138 -23.74 -9.00 19.60
CA ARG A 138 -23.67 -9.44 18.21
C ARG A 138 -23.39 -10.95 18.14
N ALA A 139 -24.28 -11.73 18.73
CA ALA A 139 -24.19 -13.20 18.78
C ALA A 139 -24.02 -13.80 17.40
N GLY A 140 -23.07 -14.71 17.28
CA GLY A 140 -22.84 -15.40 16.00
C GLY A 140 -22.06 -14.60 14.96
N TRP A 141 -21.69 -13.36 15.26
CA TRP A 141 -20.89 -12.57 14.32
C TRP A 141 -19.54 -13.22 14.12
N ILE A 142 -19.16 -13.36 12.86
CA ILE A 142 -17.90 -13.97 12.53
C ILE A 142 -17.00 -12.88 12.00
N GLY A 143 -15.98 -12.56 12.78
CA GLY A 143 -15.03 -11.53 12.40
C GLY A 143 -13.81 -12.23 11.89
N CYS A 144 -12.81 -11.43 11.58
CA CYS A 144 -11.56 -11.99 11.13
C CYS A 144 -10.36 -11.14 11.56
N ASN A 145 -9.19 -11.78 11.59
CA ASN A 145 -7.91 -11.07 11.71
C ASN A 145 -7.11 -11.23 10.44
N ILE A 146 -6.24 -10.26 10.18
CA ILE A 146 -5.38 -10.31 9.01
C ILE A 146 -3.96 -10.66 9.51
N ASP A 147 -3.36 -11.67 8.90
CA ASP A 147 -2.00 -12.11 9.20
C ASP A 147 -1.09 -11.51 8.15
N LEU A 148 -0.28 -10.53 8.56
CA LEU A 148 0.67 -9.86 7.67
C LEU A 148 2.12 -10.30 7.89
N SER A 149 2.33 -11.40 8.61
CA SER A 149 3.68 -11.84 8.94
C SER A 149 4.57 -12.06 7.71
N GLN A 150 3.97 -12.60 6.65
CA GLN A 150 4.66 -12.93 5.40
C GLN A 150 4.98 -11.74 4.49
N VAL A 151 4.41 -10.57 4.77
CA VAL A 151 4.62 -9.37 3.96
C VAL A 151 6.10 -8.93 3.97
N PRO A 152 6.64 -8.52 2.80
CA PRO A 152 8.02 -8.06 2.71
C PRO A 152 8.25 -6.74 3.40
N SER A 153 9.42 -6.60 4.02
CA SER A 153 9.84 -5.36 4.66
C SER A 153 9.62 -4.16 3.73
N LYS A 154 9.81 -4.38 2.44
CA LYS A 154 9.78 -3.32 1.44
C LYS A 154 8.37 -2.99 0.95
N GLY A 155 7.40 -3.86 1.24
CA GLY A 155 5.99 -3.64 0.90
C GLY A 155 5.36 -2.56 1.75
N ARG A 156 5.94 -2.29 2.91
CA ARG A 156 5.47 -1.24 3.83
C ARG A 156 6.04 0.13 3.46
N ILE A 157 5.17 1.01 2.99
CA ILE A 157 5.59 2.33 2.49
C ILE A 157 5.13 3.46 3.41
N PHE A 158 6.10 4.00 4.16
CA PHE A 158 5.82 4.96 5.25
C PHE A 158 5.56 6.35 4.72
N LEU A 159 4.47 6.98 5.20
CA LEU A 159 4.13 8.39 4.90
C LEU A 159 4.53 9.32 6.07
N VAL A 160 4.38 8.75 7.27
CA VAL A 160 4.84 9.34 8.52
C VAL A 160 5.55 8.21 9.25
N GLN A 161 6.79 8.48 9.66
CA GLN A 161 7.60 7.49 10.33
C GLN A 161 8.24 8.06 11.59
N ASP A 162 7.92 7.43 12.71
CA ASP A 162 8.36 7.85 14.03
C ASP A 162 8.36 9.35 14.20
N GLY A 163 7.19 9.95 13.94
CA GLY A 163 6.97 11.37 14.19
C GLY A 163 7.15 12.27 12.99
N GLN A 164 7.87 11.78 11.97
CA GLN A 164 8.32 12.63 10.87
C GLN A 164 7.59 12.39 9.55
N VAL A 165 7.04 13.46 9.01
CA VAL A 165 6.39 13.40 7.70
C VAL A 165 7.45 13.19 6.62
N ARG A 166 7.19 12.29 5.70
CA ARG A 166 8.10 12.04 4.58
C ARG A 166 7.64 12.76 3.32
N ASP A 167 8.58 12.94 2.40
CA ASP A 167 8.33 13.64 1.15
C ASP A 167 7.31 12.85 0.31
N PRO A 168 6.13 13.45 0.04
CA PRO A 168 5.10 12.87 -0.81
C PRO A 168 5.55 12.36 -2.18
N GLU A 169 6.66 12.87 -2.71
CA GLU A 169 7.15 12.45 -4.03
C GLU A 169 8.01 11.19 -3.90
N LYS A 170 8.78 11.09 -2.83
CA LYS A 170 9.42 9.84 -2.46
C LYS A 170 8.37 8.72 -2.27
N VAL A 171 7.23 9.06 -1.66
CA VAL A 171 6.17 8.08 -1.36
C VAL A 171 5.44 7.59 -2.60
N THR A 172 5.06 8.51 -3.48
CA THR A 172 4.40 8.19 -4.76
C THR A 172 5.31 7.31 -5.61
N LYS A 173 6.61 7.63 -5.62
CA LYS A 173 7.61 6.82 -6.33
C LYS A 173 7.64 5.40 -5.78
N GLU A 174 7.79 5.31 -4.46
CA GLU A 174 7.92 4.03 -3.77
C GLU A 174 6.66 3.17 -3.87
N PHE A 175 5.50 3.82 -3.87
CA PHE A 175 4.22 3.10 -3.96
C PHE A 175 4.04 2.47 -5.32
N LYS A 176 4.33 3.24 -6.36
CA LYS A 176 4.20 2.77 -7.75
C LYS A 176 5.17 1.63 -8.09
N GLN A 177 6.38 1.70 -7.52
CA GLN A 177 7.32 0.59 -7.58
C GLN A 177 6.77 -0.58 -6.79
N GLY A 178 6.21 -0.27 -5.61
CA GLY A 178 5.69 -1.30 -4.71
C GLY A 178 4.58 -2.14 -5.28
N LEU A 179 3.79 -1.57 -6.17
CA LEU A 179 2.67 -2.28 -6.80
C LEU A 179 3.14 -3.41 -7.74
N PHE A 180 4.44 -3.45 -8.06
CA PHE A 180 5.05 -4.52 -8.87
C PHE A 180 5.72 -5.60 -8.03
N LEU A 181 5.78 -5.34 -6.73
CA LEU A 181 6.51 -6.19 -5.81
C LEU A 181 5.73 -7.49 -5.60
N ARG A 182 6.48 -8.57 -5.44
CA ARG A 182 5.92 -9.92 -5.40
C ARG A 182 5.56 -10.35 -4.00
N LYS A 183 4.41 -11.00 -3.89
CA LYS A 183 3.87 -11.49 -2.62
C LYS A 183 4.88 -12.30 -1.80
N SER A 184 5.71 -13.12 -2.46
CA SER A 184 6.67 -13.98 -1.73
C SER A 184 8.14 -13.78 -2.12
N SER A 185 9.02 -14.05 -1.16
CA SER A 185 10.45 -14.22 -1.46
C SER A 185 10.68 -15.51 -2.27
N LEU A 186 9.79 -16.49 -2.10
CA LEU A 186 9.89 -17.78 -2.80
C LEU A 186 9.44 -17.72 -4.28
N SER A 187 8.56 -16.78 -4.62
CA SER A 187 8.18 -16.61 -6.02
C SER A 187 9.38 -16.06 -6.80
N SER A 188 9.43 -16.41 -8.09
CA SER A 188 10.63 -16.22 -8.90
C SER A 188 10.87 -14.76 -9.28
N ARG A 189 11.98 -14.58 -10.00
CA ARG A 189 12.52 -13.25 -10.35
C ARG A 189 11.50 -12.16 -10.78
N GLY A 190 10.87 -12.33 -11.93
CA GLY A 190 9.96 -11.29 -12.42
C GLY A 190 10.72 -10.21 -13.19
N TRP A 191 10.37 -10.05 -14.47
CA TRP A 191 11.06 -9.10 -15.33
C TRP A 191 10.97 -7.63 -14.88
N THR A 192 9.76 -7.16 -14.58
CA THR A 192 9.56 -5.75 -14.29
C THR A 192 10.38 -5.32 -13.08
N ILE A 193 10.49 -6.24 -12.13
CA ILE A 193 11.24 -5.98 -10.90
C ILE A 193 12.75 -5.85 -11.20
N GLU A 194 13.26 -6.75 -12.02
CA GLU A 194 14.68 -6.80 -12.33
C GLU A 194 15.12 -5.60 -13.16
N ILE A 195 14.21 -5.13 -14.00
CA ILE A 195 14.45 -3.95 -14.82
C ILE A 195 14.36 -2.66 -13.98
N LEU A 196 13.42 -2.60 -13.03
CA LEU A 196 13.38 -1.47 -12.08
C LEU A 196 14.71 -1.43 -11.35
N ASN A 197 15.23 -2.60 -11.02
CA ASN A 197 16.51 -2.71 -10.33
C ASN A 197 17.71 -2.15 -11.11
N CYS A 198 17.69 -2.36 -12.43
CA CYS A 198 18.70 -1.80 -13.32
C CYS A 198 18.54 -0.29 -13.41
N ILE A 199 17.32 0.16 -13.70
CA ILE A 199 17.00 1.59 -13.72
C ILE A 199 17.59 2.28 -12.50
N ASP A 200 17.35 1.72 -11.31
CA ASP A 200 17.78 2.38 -10.06
C ASP A 200 19.31 2.37 -9.87
N LYS A 201 19.99 1.43 -10.51
CA LYS A 201 21.46 1.41 -10.57
C LYS A 201 22.05 2.51 -11.48
N ILE A 202 21.23 3.10 -12.34
CA ILE A 202 21.70 4.18 -13.18
C ILE A 202 21.63 5.51 -12.43
N GLU A 203 22.79 6.16 -12.33
CA GLU A 203 22.91 7.45 -11.66
C GLU A 203 22.27 8.56 -12.47
N GLY A 204 21.47 9.35 -11.77
CA GLY A 204 20.80 10.48 -12.38
C GLY A 204 19.45 10.13 -12.99
N SER A 205 18.84 11.15 -13.56
CA SER A 205 17.47 11.12 -14.00
C SER A 205 17.32 10.56 -15.44
N GLU A 206 18.24 10.98 -16.31
CA GLU A 206 18.18 10.68 -17.75
C GLU A 206 18.92 9.41 -18.05
N PHE A 207 18.38 8.60 -18.97
CA PHE A 207 19.10 7.44 -19.47
C PHE A 207 18.60 7.04 -20.84
N THR A 208 19.37 6.16 -21.47
CA THR A 208 19.11 5.75 -22.83
C THR A 208 18.94 4.25 -22.89
N LEU A 209 18.62 3.75 -24.09
CA LEU A 209 18.46 2.32 -24.34
C LEU A 209 19.83 1.62 -24.30
N GLU A 210 20.87 2.31 -24.75
CA GLU A 210 22.24 1.78 -24.69
C GLU A 210 22.72 1.54 -23.25
N ASP A 211 22.32 2.44 -22.35
CA ASP A 211 22.59 2.28 -20.91
C ASP A 211 21.94 1.00 -20.39
N MET A 212 20.71 0.75 -20.86
CA MET A 212 19.93 -0.41 -20.45
C MET A 212 20.49 -1.72 -21.00
N TYR A 213 20.96 -1.70 -22.25
CA TYR A 213 21.54 -2.87 -22.89
C TYR A 213 22.88 -3.28 -22.28
N ARG A 214 23.47 -2.43 -21.43
CA ARG A 214 24.64 -2.80 -20.64
C ARG A 214 24.31 -3.85 -19.58
N PHE A 215 23.07 -3.84 -19.11
CA PHE A 215 22.59 -4.84 -18.15
C PHE A 215 22.17 -6.15 -18.80
N GLU A 216 22.55 -6.34 -20.07
CA GLU A 216 22.11 -7.51 -20.85
C GLU A 216 22.65 -8.81 -20.29
N SER A 217 23.97 -8.88 -20.15
CA SER A 217 24.65 -10.06 -19.57
C SER A 217 24.16 -10.42 -18.15
N ASP A 218 23.86 -9.39 -17.36
CA ASP A 218 23.36 -9.57 -16.01
C ASP A 218 21.94 -10.12 -16.00
N LEU A 219 21.11 -9.61 -16.91
CA LEU A 219 19.72 -10.07 -17.04
C LEU A 219 19.64 -11.47 -17.62
N LYS A 220 20.59 -11.79 -18.49
CA LYS A 220 20.68 -13.10 -19.11
C LYS A 220 20.92 -14.21 -18.10
N ASN A 221 21.79 -13.96 -17.12
CA ASN A 221 22.02 -14.92 -16.04
C ASN A 221 20.73 -15.20 -15.28
N ILE A 222 19.99 -14.14 -14.97
CA ILE A 222 18.73 -14.24 -14.26
C ILE A 222 17.67 -14.96 -15.13
N PHE A 223 17.55 -14.58 -16.40
CA PHE A 223 16.58 -15.19 -17.31
C PHE A 223 17.29 -15.92 -18.45
N VAL A 224 17.89 -17.03 -18.07
CA VAL A 224 18.76 -17.87 -18.91
C VAL A 224 18.10 -18.38 -20.19
N LYS A 225 16.78 -18.60 -20.14
CA LYS A 225 16.02 -19.05 -21.30
C LYS A 225 15.53 -17.91 -22.21
N ASN A 226 15.94 -16.67 -21.91
CA ASN A 226 15.49 -15.57 -22.73
C ASN A 226 16.56 -15.26 -23.76
N ASN A 227 16.21 -15.54 -25.00
CA ASN A 227 17.13 -15.35 -26.11
C ASN A 227 16.86 -14.04 -26.84
N HIS A 228 16.03 -13.17 -26.24
CA HIS A 228 15.56 -11.93 -26.87
C HIS A 228 15.49 -10.84 -25.81
N ILE A 229 16.63 -10.66 -25.15
CA ILE A 229 16.76 -9.80 -23.97
C ILE A 229 16.48 -8.34 -24.28
N LYS A 230 17.00 -7.88 -25.42
CA LYS A 230 16.86 -6.49 -25.84
C LYS A 230 15.42 -6.11 -26.09
N GLU A 231 14.71 -6.99 -26.81
CA GLU A 231 13.28 -6.82 -27.08
C GLU A 231 12.49 -6.75 -25.79
N LYS A 232 12.93 -7.54 -24.81
CA LYS A 232 12.27 -7.64 -23.51
C LYS A 232 12.50 -6.38 -22.69
N ILE A 233 13.75 -5.89 -22.66
CA ILE A 233 14.09 -4.61 -22.05
C ILE A 233 13.15 -3.52 -22.58
N ARG A 234 13.00 -3.48 -23.90
CA ARG A 234 12.16 -2.47 -24.54
C ARG A 234 10.71 -2.59 -24.13
N GLN A 235 10.19 -3.82 -24.12
CA GLN A 235 8.82 -4.11 -23.67
C GLN A 235 8.58 -3.67 -22.23
N GLN A 236 9.52 -3.97 -21.37
CA GLN A 236 9.44 -3.58 -19.95
C GLN A 236 9.45 -2.07 -19.72
N LEU A 237 10.27 -1.34 -20.50
CA LEU A 237 10.31 0.13 -20.42
C LEU A 237 8.95 0.73 -20.78
N GLN A 238 8.25 0.09 -21.72
CA GLN A 238 6.90 0.49 -22.13
C GLN A 238 5.94 0.27 -20.98
N ILE A 239 6.13 -0.83 -20.22
CA ILE A 239 5.28 -1.12 -19.06
C ILE A 239 5.46 -0.03 -18.01
N LEU A 240 6.73 0.28 -17.70
CA LEU A 240 7.07 1.29 -16.69
C LEU A 240 6.60 2.70 -17.08
N ARG A 241 6.60 3.00 -18.37
CA ARG A 241 6.01 4.22 -18.89
C ARG A 241 4.51 4.34 -18.61
N ASP A 242 3.76 3.33 -19.02
CA ASP A 242 2.30 3.31 -18.84
C ASP A 242 1.89 3.51 -17.37
N LYS A 243 2.79 3.16 -16.45
CA LYS A 243 2.56 3.40 -15.03
C LYS A 243 3.14 4.72 -14.46
N GLU A 244 3.54 5.64 -15.34
CA GLU A 244 4.06 6.95 -14.94
C GLU A 244 5.32 6.83 -14.04
N ILE A 245 6.06 5.74 -14.20
CA ILE A 245 7.33 5.50 -13.50
C ILE A 245 8.52 6.04 -14.31
N ILE A 246 8.39 5.99 -15.64
CA ILE A 246 9.30 6.67 -16.55
C ILE A 246 8.54 7.34 -17.70
N GLU A 247 9.26 8.21 -18.40
CA GLU A 247 8.77 8.97 -19.52
C GLU A 247 9.62 8.55 -20.71
N PHE A 248 9.02 8.49 -21.89
CA PHE A 248 9.75 8.25 -23.13
C PHE A 248 10.03 9.61 -23.74
N LYS A 249 11.32 9.93 -23.90
CA LYS A 249 11.74 11.17 -24.52
C LYS A 249 11.78 11.09 -26.04
N GLY A 250 11.55 9.91 -26.59
CA GLY A 250 11.68 9.70 -28.02
C GLY A 250 12.97 8.98 -28.38
N ARG A 251 12.83 7.98 -29.26
CA ARG A 251 13.93 7.24 -29.87
C ARG A 251 15.03 6.82 -28.91
N GLY A 252 14.67 5.96 -27.96
CA GLY A 252 15.64 5.30 -27.09
C GLY A 252 16.17 6.15 -25.96
N LYS A 253 15.45 7.22 -25.61
CA LYS A 253 15.82 8.10 -24.51
C LYS A 253 14.70 8.17 -23.49
N TYR A 254 15.09 8.12 -22.21
CA TYR A 254 14.13 8.05 -21.13
C TYR A 254 14.53 8.99 -19.99
N ARG A 255 13.55 9.25 -19.11
CA ARG A 255 13.79 9.99 -17.89
C ARG A 255 12.94 9.39 -16.76
N LYS A 256 13.57 9.21 -15.60
CA LYS A 256 12.87 8.76 -14.40
C LYS A 256 11.90 9.84 -13.96
N LEU A 257 10.70 9.43 -13.52
CA LEU A 257 9.66 10.36 -13.05
C LEU A 257 9.64 10.48 -11.52
P 6MA B 5 -17.39 -4.81 7.55
OP1 6MA B 5 -16.34 -4.71 6.48
OP2 6MA B 5 -17.34 -5.92 8.52
O5' 6MA B 5 -17.46 -3.46 8.39
C5' 6MA B 5 -17.89 -2.24 7.79
C4' 6MA B 5 -17.70 -1.11 8.76
O4' 6MA B 5 -18.78 -1.12 9.72
C3' 6MA B 5 -16.40 -1.28 9.55
O3' 6MA B 5 -15.46 -0.24 9.38
C2' 6MA B 5 -16.79 -1.35 11.00
C1' 6MA B 5 -18.28 -1.05 11.06
N9 6MA B 5 -18.82 -2.18 11.80
C8 6MA B 5 -19.10 -3.42 11.33
N7 6MA B 5 -19.41 -4.29 12.26
C5 6MA B 5 -19.37 -3.55 13.43
C6 6MA B 5 -19.59 -3.87 14.77
N1 6MA B 5 -19.47 -2.89 15.68
C2 6MA B 5 -19.14 -1.65 15.27
N3 6MA B 5 -18.91 -1.22 14.03
C4 6MA B 5 -19.03 -2.22 13.15
N6 6MA B 5 -19.92 -5.10 15.20
C1 6MA B 5 -20.00 -6.26 14.30
P 6MA C 5 -20.56 -8.20 24.90
OP1 6MA C 5 -21.30 -8.74 26.09
OP2 6MA C 5 -21.13 -8.38 23.55
O5' 6MA C 5 -20.31 -6.64 25.11
C5' 6MA C 5 -19.29 -6.17 26.01
C4' 6MA C 5 -18.99 -4.72 25.72
O4' 6MA C 5 -18.16 -4.58 24.53
C3' 6MA C 5 -20.26 -3.92 25.46
O3' 6MA C 5 -20.26 -2.68 26.17
C2' 6MA C 5 -20.29 -3.71 23.96
C1' 6MA C 5 -18.82 -3.79 23.53
N9 6MA C 5 -18.67 -4.50 22.25
C8 6MA C 5 -19.22 -5.72 21.98
N7 6MA C 5 -18.95 -6.17 20.77
C5 6MA C 5 -18.17 -5.17 20.21
C6 6MA C 5 -17.56 -5.04 18.94
N1 6MA C 5 -16.87 -3.91 18.69
C2 6MA C 5 -16.77 -2.99 19.65
N3 6MA C 5 -17.29 -3.00 20.89
C4 6MA C 5 -17.99 -4.12 21.11
N6 6MA C 5 -17.61 -5.98 17.98
C1 6MA C 5 -18.29 -7.27 18.13
P 6MA D 5 12.80 -17.16 -26.82
OP1 6MA D 5 13.42 -18.35 -27.45
OP2 6MA D 5 13.66 -16.05 -26.32
O5' 6MA D 5 11.73 -16.54 -27.82
C5' 6MA D 5 10.57 -17.28 -28.14
C4' 6MA D 5 9.77 -16.60 -29.23
O4' 6MA D 5 9.02 -15.47 -28.72
C3' 6MA D 5 10.57 -16.09 -30.43
O3' 6MA D 5 9.88 -16.47 -31.63
C2' 6MA D 5 10.57 -14.58 -30.26
C1' 6MA D 5 9.25 -14.33 -29.54
N9 6MA D 5 9.25 -13.15 -28.66
C8 6MA D 5 10.14 -12.87 -27.65
N7 6MA D 5 9.89 -11.75 -27.02
C5 6MA D 5 8.77 -11.23 -27.66
C6 6MA D 5 8.02 -10.06 -27.47
N1 6MA D 5 6.95 -9.85 -28.28
C2 6MA D 5 6.68 -10.77 -29.22
N3 6MA D 5 7.32 -11.91 -29.50
C4 6MA D 5 8.36 -12.10 -28.67
N6 6MA D 5 8.30 -9.12 -26.55
C1 6MA D 5 9.54 -9.17 -25.76
P 6MA E 5 4.77 2.43 -28.39
OP1 6MA E 5 3.64 3.36 -28.59
OP2 6MA E 5 5.17 2.02 -27.02
O5' 6MA E 5 4.48 1.11 -29.24
C5' 6MA E 5 4.27 1.20 -30.63
C4' 6MA E 5 3.59 -0.05 -31.14
O4' 6MA E 5 4.54 -1.13 -31.24
C3' 6MA E 5 2.48 -0.55 -30.22
O3' 6MA E 5 1.34 -0.92 -30.99
C2' 6MA E 5 3.11 -1.73 -29.49
C1' 6MA E 5 4.11 -2.26 -30.50
N9 6MA E 5 5.31 -2.87 -29.90
C8 6MA E 5 6.05 -2.39 -28.86
N7 6MA E 5 7.08 -3.15 -28.55
C5 6MA E 5 7.00 -4.21 -29.45
C6 6MA E 5 7.79 -5.36 -29.64
N1 6MA E 5 7.43 -6.21 -30.63
C2 6MA E 5 6.35 -5.92 -31.37
N3 6MA E 5 5.53 -4.87 -31.27
C4 6MA E 5 5.90 -4.05 -30.28
N6 6MA E 5 8.86 -5.66 -28.89
C1 6MA E 5 9.27 -4.89 -27.73
ZN ZN F . -4.72 8.53 -6.44
CA CA G . -11.05 0.75 8.48
NA NA H . -14.57 0.93 7.56
#